data_5HNV
#
_entry.id   5HNV
#
_cell.length_a   65.753
_cell.length_b   78.282
_cell.length_c   59.162
_cell.angle_alpha   90.00
_cell.angle_beta   90.00
_cell.angle_gamma   90.00
#
_symmetry.space_group_name_H-M   'P 21 21 2'
#
loop_
_entity.id
_entity.type
_entity.pdbx_description
1 polymer 'PpkA N terminal'
2 non-polymer "ADENOSINE-5'-TRIPHOSPHATE"
3 non-polymer 'MAGNESIUM ION'
4 non-polymer GLYCEROL
5 water water
#
_entity_poly.entity_id   1
_entity_poly.type   'polypeptide(L)'
_entity_poly.pdbx_seq_one_letter_code
;MSGTGITKPNSNSLPSGYRFNEFEIQEAIGEGGFGIVYRAYDHQLERTIAIKEYMPTSLAKRNDDLSIGLRGERFGKTFQ
AGLNSFIQEARLLARFSHPGLLHVLRFWEENGTAYMGTQFYSGTTLKNLQAQQPEKIDEAWIRRLLPPLFSAINTIHQEG
YLHRDISLDNIQIQESQLPVLLDFGSARKEIGNLSDETEIVLKPGFAPIEQYTENSDGEQGPWTDIYALGAVLHTLIVGS
PPPVSVVRSIEDSYQPLTERRPAGYSPELLRTVDRALALKPEDRPQTIDEMAELLEHHHHHH
;
_entity_poly.pdbx_strand_id   A
#
loop_
_chem_comp.id
_chem_comp.type
_chem_comp.name
_chem_comp.formula
ATP non-polymer ADENOSINE-5'-TRIPHOSPHATE 'C10 H16 N5 O13 P3'
GOL non-polymer GLYCEROL 'C3 H8 O3'
MG non-polymer 'MAGNESIUM ION' 'Mg 2'
#
# COMPACT_ATOMS: atom_id res chain seq x y z
N SER A 11 11.29 12.12 16.33
CA SER A 11 9.91 11.84 15.98
C SER A 11 9.01 13.04 16.15
N ASN A 12 8.02 13.17 15.27
CA ASN A 12 7.06 14.23 15.36
C ASN A 12 5.72 13.73 15.92
N SER A 13 5.74 12.60 16.56
CA SER A 13 4.53 11.99 17.02
C SER A 13 3.90 12.45 18.33
N LEU A 14 2.60 12.30 18.39
CA LEU A 14 1.85 12.57 19.57
C LEU A 14 2.27 11.54 20.62
N PRO A 15 2.25 12.07 21.93
CA PRO A 15 2.72 11.20 23.01
C PRO A 15 1.68 10.19 23.47
N SER A 16 2.19 9.08 24.00
CA SER A 16 1.32 8.13 24.69
C SER A 16 0.56 8.87 25.79
N GLY A 17 -0.76 8.68 25.82
CA GLY A 17 -1.63 9.39 26.75
C GLY A 17 -2.36 10.59 26.17
N TYR A 18 -1.95 11.09 25.00
CA TYR A 18 -2.70 12.14 24.34
C TYR A 18 -4.13 11.68 24.06
N ARG A 19 -5.07 12.60 24.19
CA ARG A 19 -6.49 12.29 24.05
C ARG A 19 -7.15 13.03 22.90
N PHE A 20 -8.02 12.32 22.17
CA PHE A 20 -9.00 12.88 21.24
C PHE A 20 -10.33 12.44 21.81
N ASN A 21 -10.84 13.20 22.78
CA ASN A 21 -12.02 12.80 23.54
C ASN A 21 -11.89 11.37 24.06
N GLU A 22 -12.72 10.45 23.54
CA GLU A 22 -12.71 9.07 24.02
C GLU A 22 -11.48 8.27 23.56
N PHE A 23 -10.77 8.74 22.54
CA PHE A 23 -9.59 8.04 22.05
C PHE A 23 -8.36 8.45 22.85
N GLU A 24 -7.50 7.48 23.13
CA GLU A 24 -6.21 7.74 23.78
C GLU A 24 -5.11 7.13 22.93
N ILE A 25 -4.07 7.93 22.64
CA ILE A 25 -2.90 7.42 21.94
C ILE A 25 -2.12 6.50 22.85
N GLN A 26 -1.72 5.33 22.32
CA GLN A 26 -0.87 4.40 23.07
C GLN A 26 0.56 4.40 22.59
N GLU A 27 0.78 4.33 21.27
CA GLU A 27 2.14 4.27 20.75
C GLU A 27 2.11 4.66 19.28
N ALA A 28 3.13 5.40 18.83
CA ALA A 28 3.31 5.64 17.40
C ALA A 28 4.00 4.40 16.83
N ILE A 29 3.29 3.66 15.97
CA ILE A 29 3.80 2.41 15.44
C ILE A 29 4.27 2.55 14.01
N GLY A 30 3.94 3.63 13.34
CA GLY A 30 4.47 3.90 12.02
C GLY A 30 4.72 5.39 11.88
N GLU A 31 5.88 5.75 11.38
CA GLU A 31 6.19 7.14 11.19
C GLU A 31 6.90 7.22 9.86
N GLY A 32 6.25 7.77 8.86
CA GLY A 32 6.81 7.88 7.54
C GLY A 32 6.88 9.34 7.14
N GLY A 33 7.23 9.60 5.87
CA GLY A 33 7.34 10.96 5.44
C GLY A 33 6.03 11.68 5.29
N PHE A 34 4.90 10.96 5.29
CA PHE A 34 3.63 11.55 4.92
C PHE A 34 2.52 11.34 5.93
N GLY A 35 2.72 10.48 6.91
CA GLY A 35 1.77 10.37 7.98
C GLY A 35 2.32 9.51 9.09
N ILE A 36 1.60 9.51 10.20
CA ILE A 36 1.96 8.75 11.34
C ILE A 36 0.81 7.80 11.68
N VAL A 37 1.12 6.59 12.06
CA VAL A 37 0.12 5.61 12.49
C VAL A 37 0.32 5.34 13.96
N TYR A 38 -0.76 5.41 14.73
CA TYR A 38 -0.73 5.15 16.16
C TYR A 38 -1.59 3.94 16.49
N ARG A 39 -1.14 3.13 17.45
CA ARG A 39 -2.05 2.28 18.18
C ARG A 39 -2.74 3.18 19.20
N ALA A 40 -4.07 3.07 19.28
CA ALA A 40 -4.87 3.92 20.16
C ALA A 40 -5.97 3.08 20.77
N TYR A 41 -6.68 3.68 21.73
CA TYR A 41 -7.72 2.96 22.45
C TYR A 41 -8.95 3.83 22.52
N ASP A 42 -10.11 3.23 22.21
CA ASP A 42 -11.41 3.88 22.34
C ASP A 42 -11.97 3.50 23.71
N HIS A 43 -12.01 4.47 24.62
CA HIS A 43 -12.53 4.21 25.96
C HIS A 43 -14.04 4.04 25.98
N GLN A 44 -14.76 4.55 24.99
CA GLN A 44 -16.21 4.37 24.94
C GLN A 44 -16.56 2.94 24.56
N LEU A 45 -15.97 2.44 23.48
CA LEU A 45 -16.23 1.08 23.02
C LEU A 45 -15.27 0.05 23.60
N GLU A 46 -14.28 0.49 24.37
CA GLU A 46 -13.28 -0.39 24.99
C GLU A 46 -12.59 -1.29 23.96
N ARG A 47 -12.06 -0.66 22.91
CA ARG A 47 -11.35 -1.45 21.91
C ARG A 47 -10.13 -0.69 21.39
N THR A 48 -9.13 -1.48 21.02
CA THR A 48 -7.94 -0.96 20.37
C THR A 48 -8.27 -0.65 18.93
N ILE A 49 -7.81 0.51 18.46
CA ILE A 49 -7.94 0.92 17.06
C ILE A 49 -6.58 1.45 16.59
N ALA A 50 -6.50 1.78 15.30
CA ALA A 50 -5.38 2.54 14.79
C ALA A 50 -5.87 3.94 14.44
N ILE A 51 -4.98 4.92 14.57
CA ILE A 51 -5.25 6.28 14.11
C ILE A 51 -4.15 6.67 13.14
N LYS A 52 -4.54 6.95 11.93
CA LYS A 52 -3.63 7.58 10.92
CA LYS A 52 -3.55 7.51 10.97
C LYS A 52 -3.72 9.13 10.81
N GLU A 53 -2.61 9.78 11.06
CA GLU A 53 -2.54 11.24 11.08
C GLU A 53 -1.80 11.71 9.84
N TYR A 54 -2.43 12.58 9.06
CA TYR A 54 -1.73 13.22 7.95
C TYR A 54 -0.61 14.09 8.49
N MET A 55 0.59 13.85 8.03
CA MET A 55 1.77 14.58 8.53
C MET A 55 2.95 14.53 7.53
N PRO A 56 2.81 15.50 6.53
CA PRO A 56 3.86 15.54 5.51
C PRO A 56 5.09 16.29 6.03
N THR A 57 6.12 15.56 6.44
CA THR A 57 7.25 16.21 7.06
C THR A 57 7.99 17.21 6.22
N SER A 58 7.97 17.08 4.92
CA SER A 58 8.62 18.07 4.07
C SER A 58 7.89 19.40 4.08
N LEU A 59 6.62 19.40 4.48
CA LEU A 59 5.80 20.59 4.41
C LEU A 59 5.42 21.17 5.77
N ALA A 60 5.46 20.35 6.82
CA ALA A 60 4.83 20.69 8.09
C ALA A 60 5.68 20.19 9.24
N LYS A 61 5.50 20.83 10.41
CA LYS A 61 6.22 20.52 11.63
C LYS A 61 5.23 20.51 12.79
N ARG A 62 5.63 19.91 13.89
CA ARG A 62 4.81 19.84 15.09
C ARG A 62 5.02 21.07 15.98
N ASN A 63 3.95 21.78 16.28
CA ASN A 63 3.97 22.94 17.16
C ASN A 63 4.02 22.52 18.63
N ASP A 64 4.23 23.50 19.52
CA ASP A 64 4.34 23.18 20.95
C ASP A 64 3.05 22.63 21.53
N ASP A 65 1.91 23.13 21.07
CA ASP A 65 0.63 22.63 21.55
C ASP A 65 0.19 21.35 20.84
N LEU A 66 1.06 20.81 19.97
CA LEU A 66 0.91 19.53 19.26
C LEU A 66 0.04 19.66 18.01
N SER A 67 -0.44 20.85 17.67
CA SER A 67 -0.97 21.07 16.34
C SER A 67 0.18 21.00 15.33
N ILE A 68 -0.19 21.02 14.05
CA ILE A 68 0.74 20.95 12.93
C ILE A 68 0.75 22.32 12.26
N GLY A 69 1.94 22.79 11.89
CA GLY A 69 2.07 24.06 11.20
C GLY A 69 2.97 23.93 9.98
N LEU A 70 2.77 24.86 9.05
CA LEU A 70 3.58 24.85 7.83
C LEU A 70 5.04 25.18 8.13
N ARG A 71 5.96 24.45 7.49
CA ARG A 71 7.37 24.77 7.61
C ARG A 71 7.73 26.04 6.85
N GLY A 72 6.93 26.38 5.85
CA GLY A 72 7.08 27.62 5.13
C GLY A 72 5.75 27.99 4.50
N GLU A 73 5.50 29.29 4.41
CA GLU A 73 4.21 29.73 3.88
C GLU A 73 4.01 29.28 2.44
N ARG A 74 5.10 29.10 1.69
CA ARG A 74 4.99 28.65 0.30
C ARG A 74 4.42 27.24 0.17
N PHE A 75 4.36 26.48 1.25
CA PHE A 75 3.92 25.09 1.20
C PHE A 75 2.42 24.92 1.40
N GLY A 76 1.66 26.01 1.59
CA GLY A 76 0.27 25.88 2.00
C GLY A 76 -0.61 25.21 0.98
N LYS A 77 -0.50 25.60 -0.29
CA LYS A 77 -1.37 25.01 -1.31
C LYS A 77 -1.11 23.52 -1.46
N THR A 78 0.16 23.10 -1.42
CA THR A 78 0.47 21.69 -1.56
C THR A 78 0.06 20.92 -0.31
N PHE A 79 0.24 21.52 0.87
CA PHE A 79 -0.21 20.85 2.10
C PHE A 79 -1.70 20.60 2.03
N GLN A 80 -2.47 21.61 1.61
CA GLN A 80 -3.92 21.46 1.53
C GLN A 80 -4.32 20.41 0.50
N ALA A 81 -3.61 20.37 -0.64
CA ALA A 81 -3.94 19.38 -1.66
C ALA A 81 -3.69 17.97 -1.16
N GLY A 82 -2.58 17.76 -0.46
CA GLY A 82 -2.34 16.48 0.18
C GLY A 82 -3.42 16.12 1.18
N LEU A 83 -3.86 17.10 1.97
CA LEU A 83 -4.94 16.86 2.93
C LEU A 83 -6.22 16.44 2.22
N ASN A 84 -6.56 17.14 1.13
CA ASN A 84 -7.74 16.76 0.36
C ASN A 84 -7.63 15.34 -0.18
N SER A 85 -6.44 14.94 -0.64
CA SER A 85 -6.24 13.59 -1.14
C SER A 85 -6.32 12.55 -0.01
N PHE A 86 -5.84 12.91 1.18
CA PHE A 86 -5.98 12.04 2.35
C PHE A 86 -7.46 11.79 2.66
N ILE A 87 -8.27 12.86 2.63
CA ILE A 87 -9.72 12.73 2.82
C ILE A 87 -10.32 11.85 1.75
N GLN A 88 -9.98 12.08 0.49
CA GLN A 88 -10.55 11.29 -0.59
C GLN A 88 -10.19 9.82 -0.45
N GLU A 89 -8.96 9.52 -0.01
CA GLU A 89 -8.61 8.13 0.19
C GLU A 89 -9.44 7.50 1.31
N ALA A 90 -9.65 8.24 2.40
CA ALA A 90 -10.49 7.72 3.47
C ALA A 90 -11.91 7.44 2.97
N ARG A 91 -12.45 8.32 2.13
CA ARG A 91 -13.78 8.10 1.57
C ARG A 91 -13.81 6.86 0.69
N LEU A 92 -12.76 6.65 -0.10
CA LEU A 92 -12.70 5.46 -0.94
C LEU A 92 -12.68 4.19 -0.09
N LEU A 93 -11.82 4.16 0.94
CA LEU A 93 -11.78 2.97 1.79
C LEU A 93 -13.08 2.78 2.56
N ALA A 94 -13.79 3.87 2.87
CA ALA A 94 -15.07 3.80 3.56
C ALA A 94 -16.16 3.17 2.72
N ARG A 95 -15.94 2.98 1.41
CA ARG A 95 -16.94 2.34 0.57
C ARG A 95 -17.00 0.84 0.79
N PHE A 96 -16.02 0.25 1.46
CA PHE A 96 -15.89 -1.20 1.50
C PHE A 96 -16.03 -1.73 2.92
N SER A 97 -16.47 -2.99 3.01
CA SER A 97 -16.50 -3.74 4.26
CA SER A 97 -16.49 -3.74 4.26
C SER A 97 -16.00 -5.15 3.90
N HIS A 98 -14.68 -5.28 3.76
CA HIS A 98 -14.04 -6.48 3.28
C HIS A 98 -12.86 -6.80 4.20
N PRO A 99 -12.65 -8.08 4.53
CA PRO A 99 -11.59 -8.41 5.50
C PRO A 99 -10.20 -8.08 5.02
N GLY A 100 -9.98 -7.94 3.72
CA GLY A 100 -8.67 -7.64 3.17
C GLY A 100 -8.44 -6.18 2.82
N LEU A 101 -9.34 -5.28 3.22
CA LEU A 101 -9.22 -3.86 2.94
C LEU A 101 -9.34 -3.10 4.25
N LEU A 102 -8.44 -2.15 4.47
CA LEU A 102 -8.42 -1.38 5.72
C LEU A 102 -9.80 -0.85 6.05
N HIS A 103 -10.31 -1.19 7.23
CA HIS A 103 -11.65 -0.79 7.60
C HIS A 103 -11.63 0.56 8.33
N VAL A 104 -12.34 1.54 7.79
CA VAL A 104 -12.34 2.89 8.34
C VAL A 104 -13.51 3.05 9.33
N LEU A 105 -13.20 3.51 10.53
CA LEU A 105 -14.22 3.69 11.57
C LEU A 105 -14.69 5.11 11.67
N ARG A 106 -13.79 6.08 11.54
CA ARG A 106 -14.10 7.47 11.85
C ARG A 106 -13.11 8.37 11.11
N PHE A 107 -13.52 9.60 10.86
CA PHE A 107 -12.63 10.57 10.27
C PHE A 107 -12.91 11.93 10.89
N TRP A 108 -11.87 12.70 11.19
CA TRP A 108 -12.07 14.04 11.73
C TRP A 108 -10.87 14.93 11.45
N GLU A 109 -11.10 16.24 11.50
CA GLU A 109 -10.05 17.23 11.36
C GLU A 109 -9.81 17.89 12.71
N GLU A 110 -8.53 18.08 13.06
CA GLU A 110 -8.11 18.67 14.31
C GLU A 110 -6.63 18.96 14.18
N ASN A 111 -6.11 19.84 15.03
CA ASN A 111 -4.67 20.11 15.08
C ASN A 111 -4.10 20.64 13.77
N GLY A 112 -4.93 21.23 12.93
CA GLY A 112 -4.44 21.67 11.64
C GLY A 112 -4.20 20.56 10.65
N THR A 113 -4.69 19.36 10.92
CA THR A 113 -4.48 18.21 10.05
C THR A 113 -5.74 17.36 10.06
N ALA A 114 -5.61 16.09 9.68
CA ALA A 114 -6.75 15.18 9.62
C ALA A 114 -6.34 13.81 10.11
N TYR A 115 -7.34 13.07 10.58
CA TYR A 115 -7.16 11.79 11.24
C TYR A 115 -8.17 10.77 10.73
N MET A 116 -7.71 9.55 10.53
CA MET A 116 -8.59 8.41 10.29
C MET A 116 -8.48 7.46 11.46
N GLY A 117 -9.61 7.09 12.05
CA GLY A 117 -9.65 5.98 12.97
C GLY A 117 -9.99 4.73 12.18
N THR A 118 -9.21 3.66 12.36
CA THR A 118 -9.38 2.45 11.58
C THR A 118 -9.27 1.23 12.48
N GLN A 119 -9.66 0.09 11.94
CA GLN A 119 -9.39 -1.18 12.60
C GLN A 119 -7.89 -1.32 12.83
N PHE A 120 -7.53 -1.92 13.97
CA PHE A 120 -6.14 -2.22 14.29
C PHE A 120 -5.86 -3.67 13.92
N TYR A 121 -4.82 -3.89 13.10
CA TYR A 121 -4.49 -5.22 12.61
C TYR A 121 -3.27 -5.77 13.33
N SER A 122 -3.31 -7.07 13.61
CA SER A 122 -2.15 -7.79 14.12
C SER A 122 -1.11 -7.94 13.02
N GLY A 123 0.05 -8.47 13.40
CA GLY A 123 1.10 -8.76 12.43
C GLY A 123 1.91 -7.53 12.06
N THR A 124 2.47 -7.56 10.86
CA THR A 124 3.29 -6.48 10.35
C THR A 124 3.18 -6.49 8.82
N THR A 125 3.88 -5.58 8.17
CA THR A 125 3.80 -5.50 6.72
C THR A 125 4.54 -6.65 6.06
N LEU A 126 4.15 -6.91 4.81
CA LEU A 126 4.85 -7.91 4.00
C LEU A 126 6.31 -7.52 3.81
N LYS A 127 6.59 -6.22 3.69
CA LYS A 127 7.97 -5.75 3.57
C LYS A 127 8.78 -6.17 4.79
N ASN A 128 8.22 -5.99 5.99
CA ASN A 128 8.96 -6.38 7.20
C ASN A 128 9.09 -7.89 7.31
N LEU A 129 8.06 -8.63 6.92
CA LEU A 129 8.14 -10.09 6.99
C LEU A 129 9.22 -10.62 6.06
N GLN A 130 9.28 -10.09 4.84
CA GLN A 130 10.32 -10.47 3.88
C GLN A 130 11.72 -10.13 4.39
N ALA A 131 11.86 -9.02 5.12
CA ALA A 131 13.18 -8.66 5.64
C ALA A 131 13.56 -9.48 6.84
N GLN A 132 12.60 -9.78 7.71
CA GLN A 132 12.87 -10.41 9.00
C GLN A 132 12.77 -11.94 8.97
N GLN A 133 11.85 -12.50 8.18
CA GLN A 133 11.64 -13.95 8.16
C GLN A 133 11.47 -14.44 6.73
N PRO A 134 12.46 -14.21 5.86
CA PRO A 134 12.30 -14.66 4.47
C PRO A 134 12.13 -16.17 4.34
N GLU A 135 12.64 -16.94 5.31
CA GLU A 135 12.52 -18.39 5.27
C GLU A 135 11.08 -18.87 5.42
N LYS A 136 10.20 -18.04 5.97
CA LYS A 136 8.79 -18.40 6.07
C LYS A 136 8.09 -18.31 4.73
N ILE A 137 8.65 -17.59 3.77
CA ILE A 137 7.98 -17.27 2.52
C ILE A 137 8.45 -18.26 1.44
N ASP A 138 7.66 -19.31 1.23
CA ASP A 138 7.90 -20.32 0.20
C ASP A 138 6.68 -20.44 -0.69
N GLU A 139 6.70 -21.38 -1.66
CA GLU A 139 5.61 -21.47 -2.60
C GLU A 139 4.27 -21.76 -1.92
N ALA A 140 4.28 -22.68 -0.95
CA ALA A 140 3.02 -23.01 -0.29
C ALA A 140 2.44 -21.80 0.42
N TRP A 141 3.30 -21.03 1.11
CA TRP A 141 2.85 -19.82 1.78
C TRP A 141 2.30 -18.82 0.77
N ILE A 142 2.98 -18.64 -0.37
CA ILE A 142 2.49 -17.72 -1.38
C ILE A 142 1.13 -18.17 -1.92
N ARG A 143 0.96 -19.48 -2.14
CA ARG A 143 -0.31 -19.96 -2.65
C ARG A 143 -1.44 -19.80 -1.62
N ARG A 144 -1.12 -19.75 -0.33
CA ARG A 144 -2.13 -19.44 0.68
C ARG A 144 -2.41 -17.94 0.77
N LEU A 145 -1.41 -17.10 0.45
CA LEU A 145 -1.60 -15.65 0.48
C LEU A 145 -2.49 -15.18 -0.66
N LEU A 146 -2.41 -15.84 -1.83
CA LEU A 146 -3.01 -15.27 -3.03
C LEU A 146 -4.53 -15.21 -3.02
N PRO A 147 -5.27 -16.25 -2.61
CA PRO A 147 -6.73 -16.15 -2.67
C PRO A 147 -7.28 -14.93 -1.93
N PRO A 148 -6.92 -14.68 -0.66
CA PRO A 148 -7.44 -13.47 -0.02
C PRO A 148 -6.89 -12.18 -0.59
N LEU A 149 -5.65 -12.19 -1.08
CA LEU A 149 -5.10 -10.98 -1.69
C LEU A 149 -5.78 -10.68 -3.02
N PHE A 150 -5.98 -11.71 -3.86
CA PHE A 150 -6.79 -11.56 -5.06
C PHE A 150 -8.16 -11.00 -4.73
N SER A 151 -8.80 -11.55 -3.69
CA SER A 151 -10.15 -11.10 -3.33
C SER A 151 -10.17 -9.62 -3.02
N ALA A 152 -9.23 -9.14 -2.21
CA ALA A 152 -9.21 -7.72 -1.83
C ALA A 152 -8.99 -6.82 -3.03
N ILE A 153 -8.04 -7.18 -3.90
CA ILE A 153 -7.77 -6.35 -5.07
C ILE A 153 -8.97 -6.34 -6.00
N ASN A 154 -9.54 -7.53 -6.25
CA ASN A 154 -10.70 -7.62 -7.13
C ASN A 154 -11.88 -6.83 -6.59
N THR A 155 -12.03 -6.75 -5.27
CA THR A 155 -13.13 -5.99 -4.71
C THR A 155 -13.03 -4.51 -5.07
N ILE A 156 -11.81 -3.97 -5.08
CA ILE A 156 -11.59 -2.60 -5.53
C ILE A 156 -11.98 -2.47 -7.00
N HIS A 157 -11.52 -3.40 -7.83
CA HIS A 157 -11.79 -3.34 -9.26
C HIS A 157 -13.29 -3.40 -9.56
N GLN A 158 -14.01 -4.29 -8.87
CA GLN A 158 -15.43 -4.49 -9.18
C GLN A 158 -16.26 -3.25 -8.89
N GLU A 159 -15.81 -2.39 -7.98
CA GLU A 159 -16.50 -1.13 -7.74
C GLU A 159 -16.04 -0.02 -8.68
N GLY A 160 -15.17 -0.32 -9.64
CA GLY A 160 -14.75 0.65 -10.63
C GLY A 160 -13.53 1.45 -10.27
N TYR A 161 -12.74 1.03 -9.30
CA TYR A 161 -11.53 1.75 -8.89
C TYR A 161 -10.30 0.90 -9.17
N LEU A 162 -9.14 1.54 -9.10
CA LEU A 162 -7.84 0.87 -9.15
C LEU A 162 -7.04 1.27 -7.91
N HIS A 163 -6.09 0.40 -7.54
CA HIS A 163 -5.24 0.66 -6.38
C HIS A 163 -4.11 1.62 -6.73
N ARG A 164 -3.26 1.21 -7.68
CA ARG A 164 -2.21 2.01 -8.32
C ARG A 164 -0.98 2.26 -7.46
N ASP A 165 -0.89 1.65 -6.27
CA ASP A 165 0.26 1.85 -5.42
C ASP A 165 0.72 0.55 -4.75
N ILE A 166 0.43 -0.61 -5.33
CA ILE A 166 0.76 -1.88 -4.67
C ILE A 166 2.27 -2.07 -4.60
N SER A 167 2.77 -2.39 -3.41
CA SER A 167 4.10 -2.98 -3.24
C SER A 167 4.07 -3.80 -1.95
N LEU A 168 5.26 -4.18 -1.46
CA LEU A 168 5.27 -4.92 -0.19
C LEU A 168 5.00 -4.02 1.01
N ASP A 169 5.19 -2.71 0.82
CA ASP A 169 5.18 -1.76 1.93
C ASP A 169 3.79 -1.56 2.53
N ASN A 170 2.74 -1.79 1.75
CA ASN A 170 1.38 -1.42 2.15
C ASN A 170 0.43 -2.61 2.17
N ILE A 171 0.96 -3.81 2.31
CA ILE A 171 0.18 -5.01 2.53
C ILE A 171 0.51 -5.49 3.94
N GLN A 172 -0.49 -5.52 4.82
CA GLN A 172 -0.30 -6.06 6.16
C GLN A 172 -0.48 -7.57 6.11
N ILE A 173 0.38 -8.32 6.80
CA ILE A 173 0.21 -9.75 7.00
C ILE A 173 -0.13 -9.94 8.47
N GLN A 174 -1.38 -10.29 8.74
CA GLN A 174 -1.83 -10.52 10.10
C GLN A 174 -1.17 -11.77 10.69
N GLU A 175 -1.31 -11.95 12.01
CA GLU A 175 -0.82 -13.16 12.63
C GLU A 175 -1.49 -14.39 12.06
N SER A 176 -2.73 -14.26 11.61
CA SER A 176 -3.45 -15.32 10.91
C SER A 176 -2.90 -15.60 9.52
N GLN A 177 -1.96 -14.78 9.05
CA GLN A 177 -1.37 -14.76 7.71
C GLN A 177 -2.29 -14.10 6.68
N LEU A 178 -3.49 -13.68 7.06
CA LEU A 178 -4.36 -13.06 6.06
C LEU A 178 -3.92 -11.63 5.77
N PRO A 179 -3.95 -11.23 4.50
CA PRO A 179 -3.45 -9.92 4.10
C PRO A 179 -4.49 -8.83 4.20
N VAL A 180 -4.01 -7.59 4.40
CA VAL A 180 -4.86 -6.41 4.38
C VAL A 180 -4.16 -5.32 3.58
N LEU A 181 -4.89 -4.71 2.64
CA LEU A 181 -4.38 -3.54 1.93
C LEU A 181 -4.61 -2.30 2.80
N LEU A 182 -3.51 -1.62 3.17
CA LEU A 182 -3.54 -0.57 4.18
C LEU A 182 -3.69 0.84 3.64
N ASP A 183 -3.27 1.10 2.41
CA ASP A 183 -2.93 2.46 2.03
C ASP A 183 -2.72 2.51 0.52
N PHE A 184 -3.23 3.57 -0.11
CA PHE A 184 -3.07 3.76 -1.54
C PHE A 184 -2.12 4.89 -1.88
N GLY A 185 -1.48 5.50 -0.88
CA GLY A 185 -0.50 6.52 -1.18
C GLY A 185 -1.04 7.79 -1.77
N SER A 186 -2.34 8.09 -1.60
CA SER A 186 -2.95 9.17 -2.35
C SER A 186 -2.35 10.53 -2.01
N ALA A 187 -2.19 10.83 -0.72
CA ALA A 187 -1.66 12.13 -0.34
C ALA A 187 -0.21 12.28 -0.77
N ARG A 188 0.60 11.25 -0.53
CA ARG A 188 1.99 11.24 -0.98
C ARG A 188 2.10 11.51 -2.46
N LYS A 189 1.29 10.82 -3.26
CA LYS A 189 1.39 10.94 -4.71
C LYS A 189 0.94 12.33 -5.19
N GLU A 190 -0.09 12.89 -4.55
CA GLU A 190 -0.54 14.22 -4.92
C GLU A 190 0.52 15.26 -4.59
N ILE A 191 1.09 15.17 -3.39
CA ILE A 191 2.19 16.07 -3.03
C ILE A 191 3.34 15.95 -4.02
N GLY A 192 3.69 14.71 -4.40
CA GLY A 192 4.80 14.52 -5.32
C GLY A 192 4.52 15.11 -6.69
N ASN A 193 3.31 14.92 -7.21
CA ASN A 193 2.95 15.50 -8.50
C ASN A 193 3.01 17.02 -8.45
N LEU A 194 2.48 17.63 -7.38
CA LEU A 194 2.40 19.09 -7.34
C LEU A 194 3.76 19.72 -7.09
N SER A 195 4.64 19.04 -6.36
N SER A 195 4.64 19.04 -6.36
CA SER A 195 5.93 19.57 -5.98
CA SER A 195 5.94 19.58 -5.99
C SER A 195 7.05 19.23 -6.97
C SER A 195 7.06 19.18 -6.94
N ASP A 196 6.74 18.46 -8.03
CA ASP A 196 7.75 17.93 -8.95
C ASP A 196 8.70 16.94 -8.27
N GLU A 197 8.31 16.41 -7.12
CA GLU A 197 9.08 15.35 -6.46
C GLU A 197 8.62 14.00 -7.03
N THR A 198 9.00 13.80 -8.29
CA THR A 198 8.53 12.65 -9.06
C THR A 198 8.85 11.33 -8.38
N GLU A 199 9.91 11.30 -7.57
CA GLU A 199 10.40 10.06 -6.97
C GLU A 199 9.43 9.48 -5.94
N ILE A 200 8.48 10.28 -5.45
CA ILE A 200 7.51 9.77 -4.47
C ILE A 200 6.17 9.41 -5.12
N VAL A 201 6.06 9.49 -6.44
CA VAL A 201 4.78 9.18 -7.08
C VAL A 201 4.65 7.69 -7.38
N LEU A 202 5.44 7.19 -8.34
CA LEU A 202 5.42 5.78 -8.70
C LEU A 202 6.52 5.03 -7.97
N LYS A 203 6.30 3.73 -7.81
CA LYS A 203 7.26 2.88 -7.12
C LYS A 203 8.12 2.15 -8.15
N PRO A 204 9.43 2.47 -8.25
CA PRO A 204 10.25 1.84 -9.29
C PRO A 204 10.25 0.33 -9.19
N GLY A 205 10.00 -0.32 -10.32
CA GLY A 205 9.99 -1.76 -10.39
C GLY A 205 8.62 -2.37 -10.20
N PHE A 206 7.73 -1.67 -9.48
CA PHE A 206 6.35 -2.10 -9.30
C PHE A 206 5.39 -1.45 -10.28
N ALA A 207 5.63 -0.20 -10.69
CA ALA A 207 4.72 0.48 -11.60
C ALA A 207 4.99 0.04 -13.03
N PRO A 208 3.96 -0.38 -13.77
CA PRO A 208 4.12 -0.73 -15.18
C PRO A 208 4.24 0.50 -16.07
N ILE A 209 4.49 0.24 -17.35
CA ILE A 209 4.83 1.30 -18.29
C ILE A 209 3.70 2.33 -18.41
N GLU A 210 2.45 1.87 -18.39
CA GLU A 210 1.34 2.77 -18.65
C GLU A 210 1.08 3.77 -17.51
N GLN A 211 1.65 3.56 -16.33
CA GLN A 211 1.53 4.55 -15.27
C GLN A 211 2.49 5.72 -15.45
N TYR A 212 3.48 5.60 -16.34
CA TYR A 212 4.44 6.68 -16.51
C TYR A 212 3.94 7.82 -17.38
N THR A 213 2.92 7.57 -18.21
CA THR A 213 2.02 8.57 -18.83
C THR A 213 1.28 8.01 -20.05
N GLU A 219 -5.71 3.89 -20.51
CA GLU A 219 -4.78 2.80 -20.75
C GLU A 219 -4.50 2.04 -19.46
N GLN A 220 -4.92 2.60 -18.34
CA GLN A 220 -4.79 1.94 -17.05
C GLN A 220 -6.08 1.19 -16.73
N GLY A 221 -5.92 0.04 -16.06
CA GLY A 221 -7.04 -0.80 -15.71
C GLY A 221 -6.59 -1.88 -14.73
N PRO A 222 -7.39 -2.92 -14.55
CA PRO A 222 -7.00 -3.97 -13.59
C PRO A 222 -5.62 -4.54 -13.87
N TRP A 223 -5.21 -4.61 -15.15
CA TRP A 223 -3.89 -5.06 -15.54
C TRP A 223 -2.77 -4.19 -14.94
N THR A 224 -3.06 -2.93 -14.59
CA THR A 224 -2.05 -2.08 -13.98
C THR A 224 -1.72 -2.58 -12.58
N ASP A 225 -2.74 -2.94 -11.79
CA ASP A 225 -2.51 -3.52 -10.47
C ASP A 225 -1.95 -4.93 -10.58
N ILE A 226 -2.34 -5.67 -11.61
CA ILE A 226 -1.85 -7.03 -11.77
C ILE A 226 -0.33 -7.03 -11.97
N TYR A 227 0.19 -6.09 -12.73
CA TYR A 227 1.64 -6.00 -12.91
C TYR A 227 2.34 -5.76 -11.57
N ALA A 228 1.83 -4.81 -10.78
CA ALA A 228 2.43 -4.53 -9.48
C ALA A 228 2.37 -5.75 -8.57
N LEU A 229 1.26 -6.50 -8.61
CA LEU A 229 1.20 -7.75 -7.86
C LEU A 229 2.24 -8.75 -8.35
N GLY A 230 2.42 -8.86 -9.67
CA GLY A 230 3.50 -9.69 -10.18
C GLY A 230 4.85 -9.26 -9.64
N ALA A 231 5.07 -7.94 -9.55
CA ALA A 231 6.33 -7.44 -9.03
C ALA A 231 6.52 -7.79 -7.55
N VAL A 232 5.44 -7.70 -6.76
CA VAL A 232 5.49 -8.17 -5.38
C VAL A 232 5.91 -9.64 -5.31
N LEU A 233 5.25 -10.48 -6.10
CA LEU A 233 5.55 -11.91 -6.07
C LEU A 233 6.97 -12.19 -6.50
N HIS A 234 7.43 -11.50 -7.55
CA HIS A 234 8.82 -11.59 -7.99
C HIS A 234 9.78 -11.26 -6.85
N THR A 235 9.47 -10.19 -6.10
CA THR A 235 10.31 -9.82 -4.97
C THR A 235 10.33 -10.91 -3.90
N LEU A 236 9.17 -11.52 -3.61
CA LEU A 236 9.16 -12.60 -2.63
C LEU A 236 9.96 -13.81 -3.10
N ILE A 237 9.98 -14.06 -4.40
CA ILE A 237 10.57 -15.31 -4.89
C ILE A 237 12.09 -15.18 -5.03
N VAL A 238 12.58 -14.07 -5.59
CA VAL A 238 14.01 -13.89 -5.84
C VAL A 238 14.62 -12.76 -5.03
N GLY A 239 13.83 -12.04 -4.23
CA GLY A 239 14.38 -11.09 -3.28
C GLY A 239 14.40 -9.64 -3.71
N SER A 240 14.11 -9.32 -4.98
CA SER A 240 14.12 -7.95 -5.44
C SER A 240 13.12 -7.80 -6.57
N PRO A 241 12.64 -6.60 -6.84
CA PRO A 241 11.64 -6.39 -7.89
C PRO A 241 12.27 -6.48 -9.28
N PRO A 242 11.45 -6.58 -10.33
CA PRO A 242 11.99 -6.63 -11.69
C PRO A 242 12.53 -5.27 -12.10
N PRO A 243 13.22 -5.18 -13.24
CA PRO A 243 13.73 -3.89 -13.69
C PRO A 243 12.61 -2.87 -13.89
N VAL A 244 12.99 -1.60 -13.76
CA VAL A 244 12.02 -0.51 -13.94
C VAL A 244 11.36 -0.63 -15.31
N SER A 245 10.04 -0.43 -15.35
CA SER A 245 9.30 -0.71 -16.58
C SER A 245 9.71 0.20 -17.75
N VAL A 246 10.07 1.47 -17.48
CA VAL A 246 10.52 2.34 -18.56
C VAL A 246 11.82 1.80 -19.17
N VAL A 247 12.72 1.34 -18.33
CA VAL A 247 13.94 0.74 -18.82
C VAL A 247 13.62 -0.49 -19.67
N ARG A 248 12.65 -1.29 -19.22
CA ARG A 248 12.23 -2.47 -19.98
C ARG A 248 11.67 -2.09 -21.34
N SER A 249 10.96 -0.97 -21.42
CA SER A 249 10.35 -0.52 -22.67
C SER A 249 11.39 -0.13 -23.72
N ILE A 250 12.64 0.09 -23.31
CA ILE A 250 13.71 0.42 -24.25
C ILE A 250 14.43 -0.84 -24.65
N GLU A 251 14.90 -1.59 -23.66
CA GLU A 251 15.61 -2.85 -23.83
C GLU A 251 15.13 -3.74 -22.69
N ASP A 252 14.28 -4.72 -22.99
CA ASP A 252 13.69 -5.53 -21.92
C ASP A 252 14.73 -6.53 -21.42
N SER A 253 15.33 -6.23 -20.27
CA SER A 253 16.30 -7.10 -19.64
C SER A 253 15.67 -8.06 -18.63
N TYR A 254 14.34 -8.12 -18.55
CA TYR A 254 13.69 -9.04 -17.63
C TYR A 254 13.99 -10.48 -18.03
N GLN A 255 14.56 -11.26 -17.12
CA GLN A 255 14.73 -12.69 -17.35
C GLN A 255 13.56 -13.44 -16.74
N PRO A 256 12.77 -14.16 -17.53
CA PRO A 256 11.62 -14.88 -16.97
C PRO A 256 12.03 -15.81 -15.83
N LEU A 257 11.17 -15.88 -14.84
CA LEU A 257 11.44 -16.74 -13.72
C LEU A 257 11.45 -18.22 -14.17
N THR A 258 10.72 -18.52 -15.22
CA THR A 258 10.69 -19.87 -15.69
C THR A 258 12.10 -20.28 -16.16
N GLU A 259 12.93 -19.33 -16.54
CA GLU A 259 14.30 -19.64 -16.94
C GLU A 259 15.27 -19.60 -15.80
N ARG A 260 15.10 -18.68 -14.88
CA ARG A 260 15.95 -18.59 -13.75
C ARG A 260 15.84 -19.79 -12.84
N ARG A 261 14.65 -20.37 -12.76
CA ARG A 261 14.44 -21.52 -11.92
C ARG A 261 14.94 -21.48 -10.49
N PRO A 262 14.36 -20.48 -9.74
CA PRO A 262 14.76 -20.45 -8.33
C PRO A 262 14.34 -21.74 -7.65
N ALA A 263 15.13 -22.22 -6.73
CA ALA A 263 14.86 -23.45 -6.03
C ALA A 263 13.56 -23.46 -5.26
N GLY A 264 12.79 -24.53 -5.42
CA GLY A 264 11.57 -24.69 -4.67
C GLY A 264 10.34 -24.03 -5.25
N TYR A 265 10.38 -23.61 -6.51
CA TYR A 265 9.25 -22.94 -7.15
C TYR A 265 8.82 -23.67 -8.42
N SER A 266 7.52 -23.91 -8.54
CA SER A 266 6.99 -24.65 -9.68
C SER A 266 6.96 -23.77 -10.92
N PRO A 267 7.11 -24.37 -12.11
CA PRO A 267 6.89 -23.61 -13.34
C PRO A 267 5.54 -22.92 -13.39
N GLU A 268 4.51 -23.50 -12.80
CA GLU A 268 3.18 -22.90 -12.85
C GLU A 268 3.13 -21.57 -12.11
N LEU A 269 3.66 -21.52 -10.88
CA LEU A 269 3.71 -20.25 -10.16
C LEU A 269 4.64 -19.28 -10.87
N LEU A 270 5.78 -19.74 -11.35
CA LEU A 270 6.73 -18.87 -12.01
C LEU A 270 6.15 -18.26 -13.27
N ARG A 271 5.47 -19.06 -14.07
CA ARG A 271 4.85 -18.53 -15.28
C ARG A 271 3.72 -17.55 -14.97
N THR A 272 3.00 -17.75 -13.87
CA THR A 272 1.96 -16.80 -13.49
C THR A 272 2.55 -15.44 -13.19
N VAL A 273 3.69 -15.42 -12.49
CA VAL A 273 4.38 -14.16 -12.22
C VAL A 273 4.88 -13.52 -13.51
N ASP A 274 5.52 -14.31 -14.36
CA ASP A 274 6.01 -13.78 -15.64
C ASP A 274 4.88 -13.17 -16.46
N ARG A 275 3.71 -13.83 -16.50
CA ARG A 275 2.60 -13.29 -17.28
C ARG A 275 2.07 -11.98 -16.69
N ALA A 276 1.97 -11.90 -15.37
CA ALA A 276 1.57 -10.65 -14.73
C ALA A 276 2.54 -9.52 -15.05
N LEU A 277 3.81 -9.86 -15.25
CA LEU A 277 4.88 -8.91 -15.56
C LEU A 277 5.09 -8.67 -17.04
N ALA A 278 4.17 -9.14 -17.90
CA ALA A 278 4.29 -8.81 -19.32
C ALA A 278 4.38 -7.29 -19.48
N LEU A 279 5.29 -6.86 -20.35
CA LEU A 279 5.56 -5.44 -20.49
C LEU A 279 4.31 -4.67 -20.92
N LYS A 280 3.61 -5.18 -21.96
CA LYS A 280 2.46 -4.43 -22.47
C LYS A 280 1.18 -4.86 -21.75
N PRO A 281 0.31 -3.89 -21.44
CA PRO A 281 -0.95 -4.22 -20.73
C PRO A 281 -1.72 -5.36 -21.37
N GLU A 282 -1.84 -5.36 -22.70
CA GLU A 282 -2.65 -6.34 -23.38
C GLU A 282 -2.11 -7.76 -23.28
N ASP A 283 -0.84 -7.94 -22.90
CA ASP A 283 -0.26 -9.27 -22.77
C ASP A 283 -0.37 -9.85 -21.37
N ARG A 284 -0.88 -9.09 -20.42
CA ARG A 284 -1.05 -9.54 -19.05
C ARG A 284 -2.42 -10.18 -18.87
N PRO A 285 -2.63 -10.90 -17.77
CA PRO A 285 -4.01 -11.22 -17.37
C PRO A 285 -4.80 -9.92 -17.24
N GLN A 286 -6.03 -9.94 -17.74
CA GLN A 286 -6.81 -8.71 -17.83
C GLN A 286 -7.66 -8.45 -16.60
N THR A 287 -7.86 -9.47 -15.76
CA THR A 287 -8.61 -9.35 -14.52
C THR A 287 -7.91 -10.21 -13.49
N ILE A 288 -8.23 -9.92 -12.21
CA ILE A 288 -7.73 -10.77 -11.13
C ILE A 288 -8.15 -12.22 -11.34
N ASP A 289 -9.41 -12.45 -11.74
CA ASP A 289 -9.87 -13.83 -11.97
C ASP A 289 -9.02 -14.53 -13.02
N GLU A 290 -8.62 -13.82 -14.07
CA GLU A 290 -7.78 -14.41 -15.10
C GLU A 290 -6.42 -14.82 -14.54
N MET A 291 -5.84 -13.98 -13.67
CA MET A 291 -4.54 -14.32 -13.10
C MET A 291 -4.64 -15.52 -12.16
N ALA A 292 -5.70 -15.58 -11.36
CA ALA A 292 -5.90 -16.73 -10.48
C ALA A 292 -6.04 -18.03 -11.27
N GLU A 293 -6.63 -17.96 -12.46
CA GLU A 293 -6.80 -19.18 -13.27
C GLU A 293 -5.47 -19.79 -13.68
N LEU A 294 -4.44 -18.97 -13.84
CA LEU A 294 -3.14 -19.47 -14.25
C LEU A 294 -2.54 -20.40 -13.20
N LEU A 295 -2.92 -20.24 -11.95
CA LEU A 295 -2.40 -21.08 -10.88
C LEU A 295 -3.14 -22.39 -10.74
N GLU A 296 -4.25 -22.57 -11.48
CA GLU A 296 -4.93 -23.84 -11.54
C GLU A 296 -4.22 -24.75 -12.55
N HIS A 297 -4.75 -25.97 -12.71
CA HIS A 297 -4.22 -27.05 -13.57
C HIS A 297 -3.10 -27.83 -12.92
N HIS A 298 -2.81 -27.60 -11.64
CA HIS A 298 -1.74 -28.32 -10.95
C HIS A 298 -2.28 -29.49 -10.14
PG ATP B . 8.21 0.17 9.43
O1G ATP B . 9.46 -0.21 10.15
O2G ATP B . 7.20 -0.85 9.53
O3G ATP B . 8.48 0.63 8.08
PB ATP B . 7.71 2.92 9.98
O1B ATP B . 7.78 3.46 11.32
O2B ATP B . 8.77 3.14 8.99
O3B ATP B . 7.46 1.37 10.18
PA ATP B . 5.73 3.20 7.90
O1A ATP B . 4.89 4.39 7.65
O2A ATP B . 6.86 2.86 7.01
O3A ATP B . 6.34 3.36 9.34
O5' ATP B . 4.80 1.94 8.03
C5' ATP B . 3.50 1.99 8.61
C4' ATP B . 3.48 1.02 9.77
O4' ATP B . 2.17 1.10 10.34
C3' ATP B . 3.71 -0.42 9.37
O3' ATP B . 4.56 -1.06 10.27
C2' ATP B . 2.33 -1.03 9.43
O2' ATP B . 2.29 -2.37 9.79
C1' ATP B . 1.65 -0.19 10.50
N9 ATP B . 0.18 -0.09 10.36
C8 ATP B . -0.41 0.72 9.52
N7 ATP B . -1.74 0.64 9.64
C5 ATP B . -1.99 -0.23 10.57
C6 ATP B . -3.21 -0.75 11.20
N6 ATP B . -4.38 -0.30 10.76
N1 ATP B . -3.08 -1.63 12.15
C2 ATP B . -1.86 -2.00 12.55
N3 ATP B . -0.70 -1.59 12.04
C4 ATP B . -0.71 -0.70 11.08
MG MG C . 8.91 2.47 7.09
C1 GOL D . 2.29 2.93 3.79
O1 GOL D . 1.71 2.15 4.84
C2 GOL D . 3.61 3.50 4.26
O2 GOL D . 4.38 3.77 3.12
C3 GOL D . 3.35 4.81 4.95
O3 GOL D . 4.55 5.38 5.51
#